data_8YZ3
#
_entry.id   8YZ3
#
_cell.length_a   63.309
_cell.length_b   113.001
_cell.length_c   160.052
_cell.angle_alpha   90.00
_cell.angle_beta   90.00
_cell.angle_gamma   90.00
#
_symmetry.space_group_name_H-M   'C 2 2 21'
#
loop_
_entity.id
_entity.type
_entity.pdbx_description
1 polymer 'DUF2875 domain-containing protein'
2 non-polymer GLYCEROL
3 water water
#
_entity_poly.entity_id   1
_entity_poly.type   'polypeptide(L)'
_entity_poly.pdbx_seq_one_letter_code
;MGSSHHHHHHSSGLVPRGSHMSADAYHAPKTSPRLETLDVLSIGMSLDVFRQGQVWKALQEQNAVQAEALHVGSILPMDP
KKYPTSADDKDMAYEKRQADALELGLKNFLEKWPIPTVTVVRSWDPSTPNLRFTPEETRESLSVKVNDLRVPAGLHWHRI
ANLQDGIICNDTPEGVLEALFSLFERNPDLPAVLVYANEGFNMAGSLSSRDVPLKSLGGGSGPRVPGTLTDTMVALIVGR
PERVDWLRQFAPYTKVNENRIDPEFRGWGWRKPPVEFRPTPFIPQPWTERALEQWDALPVLARLHRPVSVPLTRPDTGER
LKREALTAQLAAAWKTASAGLRPAPARLFYDGGLNATPLAELTPALGAAQSSLDLLDSRESYDLTQRLGDTGAASPFVGI
ALATMASYLNGDSSMVMPLRRKDQATLIGISSPTPGKKPAHDPFGVDLLPQTASGDGPPPSADPVAPASRLTTRLPPGED
YALEEFLSSLKPSTDWQDDL
;
_entity_poly.pdbx_strand_id   A
#
# COMPACT_ATOMS: atom_id res chain seq x y z
N PRO A 16 29.31 -27.63 -18.23
CA PRO A 16 30.43 -28.29 -17.55
C PRO A 16 30.70 -27.70 -16.17
N ARG A 17 31.16 -28.55 -15.26
CA ARG A 17 31.11 -28.25 -13.83
C ARG A 17 31.89 -27.01 -13.45
N GLY A 18 33.15 -26.89 -13.86
CA GLY A 18 33.91 -25.78 -13.28
C GLY A 18 33.94 -24.52 -14.14
N SER A 19 32.97 -24.39 -15.03
CA SER A 19 33.04 -23.44 -16.13
C SER A 19 32.45 -22.09 -15.73
N HIS A 20 32.70 -21.09 -16.58
CA HIS A 20 32.02 -19.80 -16.43
C HIS A 20 30.51 -19.98 -16.51
N MET A 21 30.04 -20.86 -17.40
CA MET A 21 28.60 -21.04 -17.55
C MET A 21 27.99 -21.66 -16.29
N SER A 22 28.71 -22.59 -15.65
CA SER A 22 28.19 -23.15 -14.41
C SER A 22 28.24 -22.14 -13.27
N ALA A 23 28.95 -21.01 -13.45
CA ALA A 23 29.02 -20.00 -12.40
C ALA A 23 27.72 -19.20 -12.33
N ASP A 24 27.13 -18.92 -13.49
CA ASP A 24 25.86 -18.21 -13.57
C ASP A 24 24.77 -18.97 -12.83
N ALA A 25 23.77 -18.24 -12.34
CA ALA A 25 22.69 -18.82 -11.56
C ALA A 25 21.59 -19.33 -12.49
N TYR A 26 21.23 -20.60 -12.35
CA TYR A 26 20.09 -21.20 -13.04
C TYR A 26 18.99 -21.60 -12.07
N HIS A 27 19.06 -21.09 -10.84
CA HIS A 27 18.12 -21.41 -9.78
C HIS A 27 17.82 -20.13 -9.01
N ALA A 28 16.69 -20.13 -8.30
CA ALA A 28 16.32 -18.95 -7.54
C ALA A 28 17.34 -18.72 -6.42
N PRO A 29 17.51 -17.47 -5.99
CA PRO A 29 18.41 -17.21 -4.86
C PRO A 29 18.04 -18.07 -3.66
N LYS A 30 19.04 -18.66 -3.04
CA LYS A 30 18.83 -19.53 -1.90
C LYS A 30 18.84 -18.78 -0.58
N THR A 31 19.39 -17.57 -0.56
CA THR A 31 19.45 -16.77 0.65
C THR A 31 19.07 -15.34 0.32
N SER A 32 18.83 -14.57 1.37
CA SER A 32 18.58 -13.15 1.25
C SER A 32 19.38 -12.44 2.34
N PRO A 33 20.00 -11.32 2.02
CA PRO A 33 20.52 -10.44 3.07
C PRO A 33 19.35 -9.81 3.82
N ARG A 34 19.67 -9.13 4.92
CA ARG A 34 18.67 -8.27 5.52
C ARG A 34 18.27 -7.20 4.53
N LEU A 35 16.96 -6.99 4.38
CA LEU A 35 16.44 -6.05 3.41
C LEU A 35 16.14 -4.72 4.08
N GLU A 36 16.65 -3.63 3.50
CA GLU A 36 16.42 -2.30 4.03
C GLU A 36 15.45 -1.49 3.20
N THR A 37 15.13 -1.94 1.99
CA THR A 37 14.09 -1.33 1.18
C THR A 37 13.30 -2.43 0.48
N LEU A 38 12.08 -2.07 0.10
CA LEU A 38 11.32 -2.77 -0.92
C LEU A 38 10.96 -1.75 -1.99
N ASP A 39 10.88 -2.22 -3.23
CA ASP A 39 10.52 -1.32 -4.32
C ASP A 39 9.00 -1.28 -4.44
N VAL A 40 8.46 -0.08 -4.60
CA VAL A 40 7.05 0.07 -4.96
C VAL A 40 6.92 -0.12 -6.46
N LEU A 41 6.25 -1.20 -6.88
CA LEU A 41 6.13 -1.50 -8.30
C LEU A 41 4.83 -0.98 -8.91
N SER A 42 3.77 -0.85 -8.12
CA SER A 42 2.49 -0.42 -8.68
C SER A 42 1.61 0.09 -7.55
N ILE A 43 0.78 1.09 -7.90
CA ILE A 43 -0.19 1.69 -7.00
C ILE A 43 -1.54 1.71 -7.70
N GLY A 44 -2.60 1.35 -6.97
CA GLY A 44 -3.95 1.62 -7.43
C GLY A 44 -4.73 2.19 -6.27
N MET A 45 -5.52 3.25 -6.47
CA MET A 45 -6.22 3.83 -5.32
C MET A 45 -7.56 4.42 -5.75
N SER A 46 -8.60 4.11 -4.97
CA SER A 46 -9.85 4.83 -5.01
C SER A 46 -10.07 5.45 -3.63
N LEU A 47 -10.55 6.69 -3.62
CA LEU A 47 -10.78 7.40 -2.36
C LEU A 47 -12.01 8.26 -2.60
N ASP A 48 -13.15 7.86 -2.05
CA ASP A 48 -14.43 8.54 -2.31
C ASP A 48 -14.60 8.65 -3.83
N VAL A 49 -14.92 9.82 -4.38
CA VAL A 49 -15.15 9.94 -5.82
C VAL A 49 -13.86 10.08 -6.61
N PHE A 50 -12.71 10.11 -5.93
CA PHE A 50 -11.43 10.29 -6.60
C PHE A 50 -10.78 8.95 -6.96
N ARG A 51 -9.90 8.99 -7.95
CA ARG A 51 -9.10 7.84 -8.37
C ARG A 51 -7.65 8.27 -8.60
N GLN A 52 -6.74 7.41 -8.14
CA GLN A 52 -5.30 7.44 -8.54
C GLN A 52 -4.73 8.84 -8.32
N GLY A 53 -4.08 9.44 -9.32
CA GLY A 53 -3.43 10.74 -9.15
C GLY A 53 -4.37 11.88 -8.89
N GLN A 54 -5.69 11.69 -9.08
CA GLN A 54 -6.62 12.76 -8.73
C GLN A 54 -6.55 13.11 -7.25
N VAL A 55 -6.24 12.14 -6.38
CA VAL A 55 -6.15 12.47 -4.96
C VAL A 55 -4.96 13.40 -4.72
N TRP A 56 -3.80 13.05 -5.27
CA TRP A 56 -2.62 13.91 -5.12
C TRP A 56 -2.83 15.26 -5.79
N LYS A 57 -3.45 15.27 -6.98
CA LYS A 57 -3.75 16.54 -7.64
C LYS A 57 -4.60 17.43 -6.74
N ALA A 58 -5.65 16.86 -6.14
CA ALA A 58 -6.56 17.65 -5.31
C ALA A 58 -5.83 18.21 -4.09
N LEU A 59 -4.91 17.43 -3.51
CA LEU A 59 -4.14 17.94 -2.37
C LEU A 59 -3.26 19.12 -2.78
N GLN A 60 -2.61 19.02 -3.94
CA GLN A 60 -1.76 20.11 -4.38
C GLN A 60 -2.58 21.36 -4.72
N GLU A 61 -3.81 21.18 -5.19
CA GLU A 61 -4.69 22.32 -5.45
C GLU A 61 -5.11 22.98 -4.15
N GLN A 62 -5.33 22.19 -3.10
CA GLN A 62 -5.53 22.76 -1.77
C GLN A 62 -4.38 23.68 -1.41
N ASN A 63 -3.15 23.21 -1.60
CA ASN A 63 -1.98 23.99 -1.22
C ASN A 63 -1.87 25.28 -2.03
N ALA A 64 -2.33 25.24 -3.29
CA ALA A 64 -2.25 26.42 -4.15
C ALA A 64 -3.17 27.53 -3.68
N VAL A 65 -4.29 27.19 -3.04
CA VAL A 65 -5.22 28.19 -2.57
C VAL A 65 -5.06 28.52 -1.09
N GLN A 66 -4.37 27.68 -0.31
CA GLN A 66 -4.30 27.86 1.13
C GLN A 66 -2.91 27.47 1.61
N ALA A 67 -2.09 28.48 1.93
CA ALA A 67 -0.70 28.24 2.29
C ALA A 67 -0.53 27.59 3.65
N GLU A 68 -1.50 27.73 4.55
CA GLU A 68 -1.38 27.19 5.90
C GLU A 68 -2.02 25.81 5.96
N ALA A 69 -1.23 24.80 6.35
CA ALA A 69 -1.75 23.44 6.44
C ALA A 69 -2.96 23.35 7.36
N LEU A 70 -3.01 24.17 8.41
CA LEU A 70 -4.09 24.08 9.38
C LEU A 70 -5.46 24.41 8.78
N HIS A 71 -5.51 25.10 7.64
CA HIS A 71 -6.78 25.60 7.12
C HIS A 71 -7.15 25.02 5.75
N VAL A 72 -6.49 23.95 5.31
CA VAL A 72 -6.78 23.41 3.98
C VAL A 72 -8.15 22.74 3.93
N GLY A 73 -8.62 22.18 5.04
CA GLY A 73 -9.89 21.49 4.96
C GLY A 73 -9.80 20.15 4.24
N SER A 74 -10.96 19.64 3.84
CA SER A 74 -11.10 18.31 3.26
C SER A 74 -11.41 18.42 1.76
N ILE A 75 -10.84 17.49 0.98
CA ILE A 75 -11.13 17.49 -0.46
C ILE A 75 -12.44 16.81 -0.81
N LEU A 76 -13.11 16.19 0.15
CA LEU A 76 -14.33 15.45 -0.17
C LEU A 76 -15.39 16.43 -0.64
N PRO A 77 -15.98 16.23 -1.83
CA PRO A 77 -17.02 17.17 -2.31
C PRO A 77 -18.22 17.14 -1.39
N MET A 78 -18.77 18.33 -1.12
CA MET A 78 -19.96 18.45 -0.29
C MET A 78 -21.22 18.73 -1.10
N ASP A 79 -21.09 18.99 -2.38
CA ASP A 79 -22.23 19.16 -3.27
C ASP A 79 -22.89 17.81 -3.51
N PRO A 80 -24.10 17.56 -2.98
CA PRO A 80 -24.71 16.22 -3.10
C PRO A 80 -24.90 15.79 -4.54
N LYS A 81 -24.71 16.69 -5.48
CA LYS A 81 -24.79 16.35 -6.90
C LYS A 81 -23.52 15.67 -7.39
N LYS A 82 -22.44 15.72 -6.60
CA LYS A 82 -21.13 15.22 -7.05
C LYS A 82 -20.66 14.01 -6.26
N TYR A 83 -21.51 13.46 -5.38
CA TYR A 83 -21.19 12.23 -4.69
C TYR A 83 -22.49 11.50 -4.39
N PRO A 84 -22.46 10.19 -4.20
CA PRO A 84 -23.70 9.43 -3.99
C PRO A 84 -24.31 9.68 -2.62
N THR A 85 -25.64 9.88 -2.59
CA THR A 85 -26.36 10.06 -1.33
C THR A 85 -27.44 9.03 -1.07
N SER A 86 -28.04 8.45 -2.11
CA SER A 86 -29.00 7.38 -1.90
C SER A 86 -28.26 6.10 -1.52
N ALA A 87 -28.88 5.29 -0.67
CA ALA A 87 -28.20 4.10 -0.15
C ALA A 87 -27.81 3.15 -1.28
N ASP A 88 -28.69 2.97 -2.27
CA ASP A 88 -28.34 2.06 -3.36
C ASP A 88 -27.18 2.61 -4.17
N ASP A 89 -27.14 3.93 -4.38
CA ASP A 89 -26.00 4.54 -5.07
C ASP A 89 -24.72 4.40 -4.25
N LYS A 90 -24.81 4.52 -2.93
CA LYS A 90 -23.61 4.39 -2.10
C LYS A 90 -23.08 2.96 -2.13
N ASP A 91 -23.97 1.96 -2.05
CA ASP A 91 -23.54 0.57 -2.16
C ASP A 91 -22.88 0.30 -3.50
N MET A 92 -23.47 0.79 -4.60
CA MET A 92 -22.90 0.58 -5.92
C MET A 92 -21.56 1.30 -6.06
N ALA A 93 -21.46 2.53 -5.53
CA ALA A 93 -20.21 3.26 -5.62
C ALA A 93 -19.10 2.54 -4.84
N TYR A 94 -19.42 2.03 -3.65
CA TYR A 94 -18.43 1.27 -2.89
C TYR A 94 -17.83 0.15 -3.74
N GLU A 95 -18.69 -0.64 -4.41
CA GLU A 95 -18.20 -1.77 -5.19
C GLU A 95 -17.39 -1.30 -6.40
N LYS A 96 -17.81 -0.21 -7.03
CA LYS A 96 -17.05 0.31 -8.16
C LYS A 96 -15.70 0.84 -7.71
N ARG A 97 -15.67 1.50 -6.54
CA ARG A 97 -14.40 1.97 -5.99
C ARG A 97 -13.45 0.81 -5.75
N GLN A 98 -13.98 -0.32 -5.24
CA GLN A 98 -13.14 -1.50 -5.01
C GLN A 98 -12.53 -2.00 -6.31
N ALA A 99 -13.37 -2.16 -7.34
CA ALA A 99 -12.89 -2.69 -8.62
C ALA A 99 -11.90 -1.74 -9.26
N ASP A 100 -12.20 -0.43 -9.23
CA ASP A 100 -11.32 0.53 -9.88
C ASP A 100 -9.92 0.51 -9.26
N ALA A 101 -9.83 0.38 -7.93
CA ALA A 101 -8.52 0.39 -7.28
C ALA A 101 -7.69 -0.82 -7.70
N LEU A 102 -8.32 -1.99 -7.79
CA LEU A 102 -7.59 -3.17 -8.24
C LEU A 102 -7.21 -3.04 -9.71
N GLU A 103 -8.14 -2.56 -10.54
CA GLU A 103 -7.84 -2.36 -11.95
C GLU A 103 -6.67 -1.40 -12.13
N LEU A 104 -6.68 -0.29 -11.40
CA LEU A 104 -5.63 0.70 -11.54
C LEU A 104 -4.27 0.13 -11.10
N GLY A 105 -4.28 -0.71 -10.08
CA GLY A 105 -3.02 -1.24 -9.57
C GLY A 105 -2.47 -2.39 -10.37
N LEU A 106 -3.33 -3.15 -11.06
CA LEU A 106 -2.86 -4.39 -11.69
C LEU A 106 -2.88 -4.37 -13.21
N LYS A 107 -3.56 -3.41 -13.85
CA LYS A 107 -3.79 -3.50 -15.30
C LYS A 107 -2.48 -3.62 -16.08
N ASN A 108 -1.40 -3.00 -15.60
CA ASN A 108 -0.11 -3.06 -16.26
C ASN A 108 0.86 -4.00 -15.57
N PHE A 109 0.39 -4.79 -14.62
CA PHE A 109 1.26 -5.72 -13.90
C PHE A 109 1.21 -7.08 -14.55
N LEU A 110 2.30 -7.84 -14.37
CA LEU A 110 2.44 -9.20 -14.90
C LEU A 110 1.16 -10.01 -14.74
N GLU A 111 0.71 -10.60 -15.85
CA GLU A 111 -0.43 -11.52 -15.85
C GLU A 111 0.02 -12.98 -15.77
N LYS A 112 -0.93 -13.87 -15.50
CA LYS A 112 -0.75 -15.32 -15.55
C LYS A 112 0.31 -15.82 -14.58
N TRP A 113 0.62 -15.04 -13.55
CA TRP A 113 1.51 -15.43 -12.46
C TRP A 113 0.74 -15.28 -11.16
N PRO A 114 0.71 -16.29 -10.29
CA PRO A 114 -0.01 -16.15 -9.02
C PRO A 114 0.59 -15.06 -8.15
N ILE A 115 -0.13 -13.97 -7.97
CA ILE A 115 0.34 -12.82 -7.20
C ILE A 115 0.11 -13.09 -5.70
N PRO A 116 1.16 -13.25 -4.90
CA PRO A 116 0.96 -13.43 -3.46
C PRO A 116 0.30 -12.19 -2.88
N THR A 117 -0.81 -12.40 -2.16
CA THR A 117 -1.71 -11.30 -1.84
C THR A 117 -2.03 -11.24 -0.36
N VAL A 118 -1.95 -10.03 0.19
CA VAL A 118 -2.40 -9.70 1.54
C VAL A 118 -3.68 -8.89 1.40
N THR A 119 -4.71 -9.25 2.16
CA THR A 119 -5.96 -8.52 2.22
C THR A 119 -6.06 -7.83 3.57
N VAL A 120 -6.28 -6.51 3.58
CA VAL A 120 -6.26 -5.72 4.80
C VAL A 120 -7.61 -5.02 4.99
N VAL A 121 -8.28 -5.30 6.11
CA VAL A 121 -9.47 -4.56 6.53
C VAL A 121 -9.31 -4.19 8.01
N ARG A 122 -10.33 -3.52 8.55
CA ARG A 122 -10.26 -3.02 9.93
C ARG A 122 -10.50 -4.15 10.93
N SER A 123 -10.45 -3.81 12.21
CA SER A 123 -10.50 -4.83 13.26
C SER A 123 -11.86 -5.52 13.30
N TRP A 124 -11.84 -6.78 13.71
CA TRP A 124 -13.01 -7.63 13.75
C TRP A 124 -12.79 -8.65 14.86
N ASP A 125 -13.66 -8.64 15.86
CA ASP A 125 -13.59 -9.58 16.98
C ASP A 125 -14.56 -10.73 16.72
N PRO A 126 -14.07 -11.94 16.43
CA PRO A 126 -14.99 -13.03 16.09
C PRO A 126 -15.80 -13.56 17.26
N SER A 127 -15.48 -13.17 18.49
CA SER A 127 -16.23 -13.57 19.67
C SER A 127 -17.38 -12.62 19.97
N THR A 128 -17.52 -11.53 19.21
CA THR A 128 -18.56 -10.54 19.44
C THR A 128 -19.94 -11.19 19.35
N PRO A 129 -20.81 -11.00 20.34
CA PRO A 129 -22.17 -11.56 20.23
C PRO A 129 -22.98 -10.90 19.12
N ASN A 130 -23.83 -11.72 18.48
CA ASN A 130 -24.85 -11.21 17.55
C ASN A 130 -24.24 -10.57 16.31
N LEU A 131 -23.18 -11.17 15.78
CA LEU A 131 -22.58 -10.65 14.55
C LEU A 131 -23.58 -10.73 13.39
N ARG A 132 -23.56 -9.72 12.53
CA ARG A 132 -24.45 -9.74 11.37
C ARG A 132 -24.14 -10.91 10.44
N PHE A 133 -22.87 -11.26 10.33
CA PHE A 133 -22.43 -12.43 9.59
C PHE A 133 -21.70 -13.37 10.54
N THR A 134 -21.82 -14.68 10.29
CA THR A 134 -21.10 -15.63 11.13
C THR A 134 -19.59 -15.48 10.91
N PRO A 135 -18.78 -15.91 11.89
CA PRO A 135 -17.33 -15.94 11.65
C PRO A 135 -16.96 -16.69 10.38
N GLU A 136 -17.61 -17.83 10.09
CA GLU A 136 -17.33 -18.56 8.87
C GLU A 136 -17.67 -17.73 7.64
N GLU A 137 -18.82 -17.05 7.65
CA GLU A 137 -19.22 -16.22 6.51
C GLU A 137 -18.20 -15.13 6.28
N THR A 138 -17.79 -14.47 7.35
CA THR A 138 -16.87 -13.33 7.22
C THR A 138 -15.51 -13.79 6.71
N ARG A 139 -14.98 -14.88 7.27
CA ARG A 139 -13.67 -15.35 6.83
C ARG A 139 -13.70 -15.75 5.37
N GLU A 140 -14.80 -16.35 4.92
CA GLU A 140 -14.91 -16.69 3.50
C GLU A 140 -15.01 -15.44 2.64
N SER A 141 -15.81 -14.47 3.09
CA SER A 141 -15.96 -13.21 2.39
C SER A 141 -14.62 -12.51 2.21
N LEU A 142 -13.83 -12.44 3.29
CA LEU A 142 -12.53 -11.78 3.20
C LEU A 142 -11.57 -12.57 2.32
N SER A 143 -11.61 -13.89 2.40
CA SER A 143 -10.68 -14.73 1.64
C SER A 143 -10.88 -14.57 0.14
N VAL A 144 -12.13 -14.43 -0.33
CA VAL A 144 -12.37 -14.38 -1.77
C VAL A 144 -12.34 -12.97 -2.32
N LYS A 145 -12.18 -11.96 -1.47
CA LYS A 145 -12.50 -10.58 -1.87
C LYS A 145 -11.66 -10.12 -3.06
N VAL A 146 -10.36 -10.28 -2.99
CA VAL A 146 -9.50 -9.69 -4.01
C VAL A 146 -9.63 -10.48 -5.31
N ASN A 147 -9.56 -11.83 -5.24
CA ASN A 147 -9.71 -12.61 -6.46
C ASN A 147 -11.03 -12.32 -7.15
N ASP A 148 -12.13 -12.21 -6.37
CA ASP A 148 -13.42 -11.95 -6.99
C ASP A 148 -13.46 -10.60 -7.69
N LEU A 149 -12.72 -9.61 -7.16
CA LEU A 149 -12.72 -8.29 -7.78
C LEU A 149 -12.10 -8.31 -9.17
N ARG A 150 -11.39 -9.39 -9.55
CA ARG A 150 -10.82 -9.44 -10.89
C ARG A 150 -11.90 -9.36 -11.97
N VAL A 151 -13.10 -9.86 -11.67
CA VAL A 151 -14.14 -9.89 -12.71
C VAL A 151 -14.62 -8.47 -13.00
N PRO A 152 -15.15 -7.70 -12.04
CA PRO A 152 -15.56 -6.32 -12.38
C PRO A 152 -14.41 -5.45 -12.84
N ALA A 153 -13.20 -5.70 -12.34
CA ALA A 153 -12.04 -4.94 -12.76
C ALA A 153 -11.56 -5.30 -14.16
N GLY A 154 -12.05 -6.40 -14.73
CA GLY A 154 -11.61 -6.76 -16.08
C GLY A 154 -10.25 -7.41 -16.14
N LEU A 155 -9.76 -7.95 -15.02
CA LEU A 155 -8.40 -8.50 -14.91
C LEU A 155 -8.41 -10.01 -15.15
N HIS A 156 -8.89 -10.39 -16.35
CA HIS A 156 -9.18 -11.80 -16.61
C HIS A 156 -7.94 -12.68 -16.64
N TRP A 157 -6.77 -12.13 -16.97
CA TRP A 157 -5.55 -12.94 -17.01
C TRP A 157 -4.70 -12.83 -15.75
N HIS A 158 -5.10 -12.00 -14.80
CA HIS A 158 -4.33 -11.92 -13.56
C HIS A 158 -4.73 -13.06 -12.62
N ARG A 159 -3.80 -13.42 -11.74
CA ARG A 159 -3.99 -14.55 -10.84
C ARG A 159 -3.62 -14.12 -9.41
N ILE A 160 -4.42 -14.56 -8.45
CA ILE A 160 -4.31 -14.16 -7.05
C ILE A 160 -4.01 -15.39 -6.22
N ALA A 161 -2.95 -15.31 -5.41
CA ALA A 161 -2.59 -16.40 -4.50
C ALA A 161 -2.57 -15.83 -3.09
N ASN A 162 -3.64 -16.07 -2.31
CA ASN A 162 -3.69 -15.55 -0.94
C ASN A 162 -2.50 -16.06 -0.14
N LEU A 163 -1.80 -15.13 0.51
CA LEU A 163 -0.68 -15.54 1.36
C LEU A 163 -1.20 -16.19 2.64
N GLN A 164 -0.46 -17.19 3.11
CA GLN A 164 -0.73 -17.80 4.41
C GLN A 164 -0.77 -16.73 5.51
N ASP A 165 -1.83 -16.76 6.32
CA ASP A 165 -2.06 -15.75 7.37
C ASP A 165 -2.11 -14.34 6.79
N GLY A 166 -2.53 -14.22 5.54
CA GLY A 166 -2.51 -12.95 4.85
C GLY A 166 -3.81 -12.17 4.89
N ILE A 167 -4.77 -12.56 5.72
CA ILE A 167 -6.00 -11.80 5.93
C ILE A 167 -5.82 -11.02 7.22
N ILE A 168 -5.74 -9.69 7.10
CA ILE A 168 -5.40 -8.80 8.20
C ILE A 168 -6.66 -8.03 8.57
N CYS A 169 -7.04 -8.11 9.84
CA CYS A 169 -8.19 -7.39 10.40
C CYS A 169 -7.62 -6.52 11.51
N ASN A 170 -7.37 -5.24 11.22
CA ASN A 170 -6.67 -4.40 12.18
C ASN A 170 -6.98 -2.95 11.87
N ASP A 171 -7.51 -2.22 12.86
CA ASP A 171 -7.74 -0.79 12.68
C ASP A 171 -6.45 -0.04 12.35
N THR A 172 -5.30 -0.58 12.79
CA THR A 172 -3.99 0.06 12.59
C THR A 172 -3.04 -0.97 12.02
N PRO A 173 -3.14 -1.27 10.73
CA PRO A 173 -2.41 -2.40 10.15
C PRO A 173 -1.01 -2.07 9.63
N GLU A 174 -0.42 -0.93 10.04
CA GLU A 174 0.89 -0.55 9.49
C GLU A 174 1.97 -1.58 9.78
N GLY A 175 1.81 -2.43 10.80
CA GLY A 175 2.76 -3.50 11.03
C GLY A 175 2.93 -4.46 9.88
N VAL A 176 2.00 -4.43 8.91
CA VAL A 176 2.08 -5.28 7.72
C VAL A 176 3.40 -5.02 6.97
N LEU A 177 3.86 -3.77 6.94
CA LEU A 177 5.05 -3.49 6.13
C LEU A 177 6.28 -4.18 6.68
N GLU A 178 6.55 -4.06 7.98
CA GLU A 178 7.67 -4.78 8.58
C GLU A 178 7.51 -6.28 8.39
N ALA A 179 6.28 -6.78 8.53
CA ALA A 179 6.05 -8.21 8.31
C ALA A 179 6.41 -8.63 6.90
N LEU A 180 6.17 -7.76 5.91
CA LEU A 180 6.54 -8.06 4.52
C LEU A 180 8.05 -8.10 4.36
N PHE A 181 8.79 -7.21 5.02
CA PHE A 181 10.24 -7.30 4.94
C PHE A 181 10.72 -8.67 5.40
N SER A 182 10.20 -9.14 6.54
CA SER A 182 10.59 -10.46 7.04
C SER A 182 10.16 -11.57 6.09
N LEU A 183 8.98 -11.42 5.48
CA LEU A 183 8.51 -12.44 4.53
C LEU A 183 9.44 -12.53 3.33
N PHE A 184 9.85 -11.38 2.78
CA PHE A 184 10.76 -11.39 1.65
C PHE A 184 12.12 -11.97 2.05
N GLU A 185 12.56 -11.74 3.28
CA GLU A 185 13.84 -12.32 3.71
C GLU A 185 13.74 -13.83 3.86
N ARG A 186 12.64 -14.32 4.43
CA ARG A 186 12.44 -15.74 4.64
C ARG A 186 12.21 -16.50 3.34
N ASN A 187 11.76 -15.81 2.29
CA ASN A 187 11.42 -16.43 1.01
C ASN A 187 12.23 -15.76 -0.10
N PRO A 188 13.48 -16.20 -0.29
CA PRO A 188 14.40 -15.49 -1.19
C PRO A 188 14.00 -15.53 -2.64
N ASP A 189 13.06 -16.41 -3.01
CA ASP A 189 12.54 -16.48 -4.37
C ASP A 189 11.40 -15.50 -4.61
N LEU A 190 10.82 -14.93 -3.54
CA LEU A 190 9.62 -14.11 -3.66
C LEU A 190 9.93 -12.78 -4.32
N PRO A 191 9.37 -12.46 -5.49
CA PRO A 191 9.72 -11.21 -6.17
C PRO A 191 8.75 -10.06 -5.94
N ALA A 192 7.51 -10.36 -5.55
CA ALA A 192 6.51 -9.31 -5.44
C ALA A 192 5.37 -9.80 -4.55
N VAL A 193 4.72 -8.83 -3.89
CA VAL A 193 3.53 -9.07 -3.07
C VAL A 193 2.53 -7.95 -3.33
N LEU A 194 1.26 -8.30 -3.41
CA LEU A 194 0.17 -7.33 -3.46
C LEU A 194 -0.44 -7.19 -2.07
N VAL A 195 -0.62 -5.94 -1.61
CA VAL A 195 -1.42 -5.64 -0.43
C VAL A 195 -2.66 -4.92 -0.92
N TYR A 196 -3.84 -5.45 -0.60
CA TYR A 196 -5.09 -4.78 -0.98
C TYR A 196 -5.78 -4.35 0.30
N ALA A 197 -5.81 -3.04 0.55
CA ALA A 197 -6.40 -2.48 1.75
C ALA A 197 -7.76 -1.91 1.38
N ASN A 198 -8.78 -2.22 2.18
CA ASN A 198 -10.16 -2.03 1.77
C ASN A 198 -10.94 -1.48 2.96
N GLU A 199 -11.47 -0.25 2.82
CA GLU A 199 -12.12 0.43 3.95
C GLU A 199 -13.37 1.17 3.48
N GLY A 200 -14.31 1.34 4.40
CA GLY A 200 -15.49 2.15 4.16
C GLY A 200 -16.62 1.70 5.06
N PHE A 201 -17.73 2.46 5.02
CA PHE A 201 -18.87 2.03 5.81
C PHE A 201 -19.25 0.59 5.51
N ASN A 202 -19.22 0.20 4.22
CA ASN A 202 -19.67 -1.15 3.88
C ASN A 202 -18.88 -2.22 4.62
N MET A 203 -17.58 -1.97 4.87
CA MET A 203 -16.80 -2.91 5.67
C MET A 203 -17.17 -2.86 7.14
N ALA A 204 -17.22 -1.65 7.71
CA ALA A 204 -17.61 -1.51 9.10
C ALA A 204 -18.96 -2.18 9.35
N GLY A 205 -19.91 -2.01 8.42
CA GLY A 205 -21.20 -2.66 8.59
C GLY A 205 -21.13 -4.16 8.50
N SER A 206 -20.42 -4.69 7.48
CA SER A 206 -20.38 -6.13 7.30
C SER A 206 -19.61 -6.85 8.40
N LEU A 207 -18.74 -6.13 9.14
CA LEU A 207 -18.04 -6.73 10.26
C LEU A 207 -18.75 -6.50 11.59
N SER A 208 -19.90 -5.82 11.58
CA SER A 208 -20.48 -5.33 12.81
C SER A 208 -21.42 -6.35 13.44
N SER A 209 -21.77 -6.07 14.69
CA SER A 209 -22.79 -6.80 15.42
C SER A 209 -24.15 -6.15 15.19
N ARG A 210 -25.21 -6.97 15.26
CA ARG A 210 -26.57 -6.43 15.17
C ARG A 210 -26.88 -5.46 16.30
N ASP A 211 -26.10 -5.49 17.38
CA ASP A 211 -26.27 -4.57 18.49
C ASP A 211 -25.71 -3.18 18.21
N VAL A 212 -25.08 -2.97 17.07
CA VAL A 212 -24.59 -1.66 16.64
C VAL A 212 -25.48 -1.20 15.48
N PRO A 213 -26.25 -0.12 15.65
CA PRO A 213 -27.09 0.36 14.52
C PRO A 213 -26.24 0.92 13.39
N LEU A 214 -26.57 0.53 12.16
CA LEU A 214 -25.73 0.90 11.01
C LEU A 214 -25.68 2.41 10.81
N LYS A 215 -26.77 3.11 11.12
CA LYS A 215 -26.77 4.56 11.01
C LYS A 215 -25.70 5.19 11.88
N SER A 216 -25.43 4.60 13.04
CA SER A 216 -24.43 5.16 13.93
C SER A 216 -23.03 5.08 13.32
N LEU A 217 -22.85 4.24 12.30
CA LEU A 217 -21.60 4.19 11.55
C LEU A 217 -21.64 5.05 10.29
N GLY A 218 -22.68 5.87 10.13
CA GLY A 218 -22.79 6.71 8.95
C GLY A 218 -23.37 6.06 7.72
N GLY A 219 -23.95 4.86 7.84
CA GLY A 219 -24.50 4.19 6.69
C GLY A 219 -25.92 4.64 6.34
N GLY A 220 -26.32 4.33 5.11
CA GLY A 220 -27.68 4.59 4.63
C GLY A 220 -27.77 5.86 3.79
N SER A 221 -29.01 6.17 3.40
CA SER A 221 -29.26 7.33 2.55
C SER A 221 -29.06 8.63 3.31
N GLY A 222 -28.50 9.62 2.63
CA GLY A 222 -28.33 10.93 3.21
C GLY A 222 -27.00 11.56 2.90
N PRO A 223 -26.87 12.86 3.13
CA PRO A 223 -25.62 13.56 2.85
C PRO A 223 -24.54 13.16 3.85
N ARG A 224 -23.30 13.55 3.52
CA ARG A 224 -22.16 13.30 4.40
C ARG A 224 -22.46 13.75 5.81
N VAL A 225 -22.14 12.90 6.78
CA VAL A 225 -22.10 13.32 8.18
C VAL A 225 -20.65 13.25 8.64
N PRO A 226 -20.23 14.07 9.60
CA PRO A 226 -18.84 13.99 10.07
C PRO A 226 -18.56 12.66 10.74
N GLY A 227 -17.33 12.19 10.59
CA GLY A 227 -16.89 10.98 11.27
C GLY A 227 -17.08 9.68 10.50
N THR A 228 -17.82 9.69 9.39
CA THR A 228 -18.00 8.47 8.62
C THR A 228 -16.70 8.08 7.91
N LEU A 229 -16.41 6.78 7.88
CA LEU A 229 -15.26 6.29 7.13
C LEU A 229 -15.38 6.69 5.67
N THR A 230 -14.25 7.16 5.10
CA THR A 230 -14.16 7.39 3.67
C THR A 230 -13.99 6.05 2.96
N ASP A 231 -14.78 5.83 1.90
CA ASP A 231 -14.54 4.67 1.04
C ASP A 231 -13.13 4.76 0.49
N THR A 232 -12.29 3.80 0.82
CA THR A 232 -10.87 3.88 0.48
C THR A 232 -10.35 2.49 0.16
N MET A 233 -9.73 2.34 -1.01
CA MET A 233 -9.09 1.08 -1.37
C MET A 233 -7.75 1.40 -1.99
N VAL A 234 -6.73 0.67 -1.57
CA VAL A 234 -5.39 0.84 -2.09
C VAL A 234 -4.86 -0.51 -2.48
N ALA A 235 -4.45 -0.65 -3.73
CA ALA A 235 -3.71 -1.79 -4.21
C ALA A 235 -2.23 -1.38 -4.26
N LEU A 236 -1.40 -2.03 -3.46
CA LEU A 236 0.00 -1.69 -3.33
C LEU A 236 0.81 -2.92 -3.68
N ILE A 237 1.65 -2.83 -4.71
CA ILE A 237 2.53 -3.94 -5.06
C ILE A 237 3.95 -3.53 -4.74
N VAL A 238 4.62 -4.31 -3.89
CA VAL A 238 6.00 -4.06 -3.51
C VAL A 238 6.81 -5.29 -3.88
N GLY A 239 8.11 -5.10 -4.10
CA GLY A 239 8.87 -6.26 -4.46
C GLY A 239 10.36 -6.01 -4.51
N ARG A 240 11.08 -7.03 -4.95
CA ARG A 240 12.53 -7.00 -5.12
C ARG A 240 12.76 -7.50 -6.54
N PRO A 241 12.68 -6.62 -7.53
CA PRO A 241 12.61 -7.06 -8.94
C PRO A 241 13.85 -7.79 -9.41
N GLU A 242 14.98 -7.60 -8.75
CA GLU A 242 16.20 -8.31 -9.12
C GLU A 242 16.06 -9.81 -8.98
N ARG A 243 15.12 -10.29 -8.16
CA ARG A 243 15.00 -11.70 -7.85
C ARG A 243 14.47 -12.53 -9.02
N VAL A 244 14.01 -11.92 -10.11
CA VAL A 244 13.61 -12.69 -11.29
C VAL A 244 14.75 -12.87 -12.28
N ASP A 245 15.94 -12.32 -12.00
CA ASP A 245 17.01 -12.35 -12.99
C ASP A 245 17.35 -13.77 -13.41
N TRP A 246 17.30 -14.72 -12.47
CA TRP A 246 17.60 -16.10 -12.81
C TRP A 246 16.62 -16.67 -13.84
N LEU A 247 15.42 -16.11 -13.93
CA LEU A 247 14.46 -16.59 -14.93
C LEU A 247 14.82 -16.13 -16.34
N ARG A 248 15.62 -15.08 -16.47
CA ARG A 248 16.06 -14.65 -17.79
C ARG A 248 16.90 -15.71 -18.50
N GLN A 249 17.49 -16.64 -17.75
CA GLN A 249 18.19 -17.77 -18.35
C GLN A 249 17.24 -18.62 -19.19
N PHE A 250 16.08 -18.95 -18.60
CA PHE A 250 15.15 -19.92 -19.15
C PHE A 250 14.18 -19.33 -20.16
N ALA A 251 13.88 -18.03 -20.05
CA ALA A 251 12.87 -17.42 -20.91
C ALA A 251 13.08 -17.66 -22.41
N PRO A 252 14.30 -17.57 -22.96
CA PRO A 252 14.45 -17.82 -24.41
C PRO A 252 14.01 -19.21 -24.86
N TYR A 253 14.09 -20.21 -23.99
CA TYR A 253 13.71 -21.58 -24.33
C TYR A 253 12.22 -21.81 -24.22
N THR A 254 11.48 -20.91 -23.58
CA THR A 254 10.05 -21.09 -23.47
C THR A 254 9.38 -20.83 -24.81
N LYS A 255 8.28 -21.56 -25.03
CA LYS A 255 7.51 -21.45 -26.25
C LYS A 255 6.65 -20.18 -26.22
N VAL A 256 6.77 -19.36 -27.26
CA VAL A 256 5.93 -18.16 -27.37
C VAL A 256 4.50 -18.58 -27.71
N ASN A 257 3.52 -17.97 -27.03
CA ASN A 257 2.14 -18.34 -27.27
C ASN A 257 1.68 -17.88 -28.66
N GLU A 258 0.74 -18.63 -29.24
CA GLU A 258 0.17 -18.24 -30.52
C GLU A 258 -0.47 -16.86 -30.43
N ASN A 259 -1.18 -16.58 -29.34
CA ASN A 259 -1.52 -15.21 -28.99
C ASN A 259 -0.31 -14.65 -28.26
N ARG A 260 0.51 -13.88 -28.99
CA ARG A 260 1.85 -13.54 -28.54
C ARG A 260 1.83 -12.76 -27.22
N ILE A 261 0.82 -11.89 -27.03
CA ILE A 261 0.80 -11.04 -25.84
C ILE A 261 0.36 -11.78 -24.59
N ASP A 262 0.00 -13.06 -24.70
CA ASP A 262 -0.33 -13.86 -23.54
C ASP A 262 0.95 -14.36 -22.88
N PRO A 263 1.21 -14.02 -21.61
CA PRO A 263 2.48 -14.41 -20.98
C PRO A 263 2.52 -15.82 -20.42
N GLU A 264 1.40 -16.55 -20.42
CA GLU A 264 1.37 -17.81 -19.69
C GLU A 264 2.36 -18.81 -20.27
N PHE A 265 3.16 -19.42 -19.40
CA PHE A 265 4.06 -20.50 -19.80
C PHE A 265 3.24 -21.72 -20.20
N ARG A 266 3.45 -22.19 -21.42
CA ARG A 266 2.81 -23.42 -21.89
C ARG A 266 3.85 -24.37 -22.48
N GLY A 267 5.04 -24.40 -21.91
CA GLY A 267 6.03 -25.41 -22.23
C GLY A 267 7.25 -24.82 -22.91
N TRP A 268 8.25 -25.69 -23.05
CA TRP A 268 9.51 -25.35 -23.71
C TRP A 268 9.34 -25.43 -25.22
N GLY A 269 10.17 -24.68 -25.93
CA GLY A 269 10.23 -24.80 -27.39
C GLY A 269 10.96 -26.07 -27.78
N TRP A 270 11.31 -26.19 -29.06
CA TRP A 270 12.03 -27.38 -29.54
C TRP A 270 13.34 -27.57 -28.79
N ARG A 271 14.15 -26.52 -28.72
CA ARG A 271 15.39 -26.56 -27.96
C ARG A 271 15.08 -26.36 -26.48
N LYS A 272 15.50 -27.32 -25.65
CA LYS A 272 15.31 -27.32 -24.22
C LYS A 272 16.47 -26.61 -23.52
N PRO A 273 16.22 -26.04 -22.33
CA PRO A 273 17.29 -25.32 -21.63
C PRO A 273 18.39 -26.27 -21.20
N PRO A 274 19.62 -25.76 -21.04
CA PRO A 274 20.75 -26.64 -20.70
C PRO A 274 20.75 -27.13 -19.27
N VAL A 275 19.99 -26.51 -18.38
CA VAL A 275 19.88 -26.93 -16.99
C VAL A 275 18.40 -27.16 -16.69
N GLU A 276 18.11 -28.18 -15.88
CA GLU A 276 16.73 -28.46 -15.50
C GLU A 276 16.16 -27.33 -14.66
N PHE A 277 14.98 -26.85 -15.05
CA PHE A 277 14.27 -25.85 -14.26
C PHE A 277 13.74 -26.49 -12.97
N ARG A 278 13.93 -25.79 -11.85
CA ARG A 278 13.44 -26.23 -10.55
C ARG A 278 12.47 -25.19 -10.02
N PRO A 279 11.19 -25.52 -9.85
CA PRO A 279 10.23 -24.53 -9.35
C PRO A 279 10.47 -24.24 -7.88
N THR A 280 9.99 -23.07 -7.46
CA THR A 280 10.04 -22.67 -6.06
C THR A 280 8.62 -22.39 -5.59
N PRO A 281 8.38 -22.20 -4.29
CA PRO A 281 7.01 -21.87 -3.83
C PRO A 281 6.37 -20.73 -4.59
N PHE A 282 7.10 -19.64 -4.85
CA PHE A 282 6.51 -18.48 -5.51
C PHE A 282 6.79 -18.41 -7.00
N ILE A 283 7.68 -19.26 -7.51
CA ILE A 283 7.94 -19.33 -8.96
C ILE A 283 7.61 -20.77 -9.37
N PRO A 284 6.33 -21.12 -9.55
CA PRO A 284 6.00 -22.52 -9.83
C PRO A 284 6.30 -22.93 -11.26
N GLN A 285 6.43 -21.98 -12.18
CA GLN A 285 6.66 -22.25 -13.59
C GLN A 285 7.69 -21.28 -14.12
N PRO A 286 8.42 -21.66 -15.17
CA PRO A 286 9.32 -20.69 -15.80
C PRO A 286 8.51 -19.54 -16.38
N TRP A 287 9.18 -18.42 -16.61
CA TRP A 287 8.54 -17.24 -17.16
C TRP A 287 8.87 -17.10 -18.64
N THR A 288 7.85 -16.78 -19.43
CA THR A 288 8.03 -16.54 -20.85
C THR A 288 8.71 -15.18 -21.08
N GLU A 289 9.17 -14.98 -22.32
CA GLU A 289 9.73 -13.69 -22.66
C GLU A 289 8.68 -12.60 -22.53
N ARG A 290 7.42 -12.92 -22.89
CA ARG A 290 6.33 -11.97 -22.71
C ARG A 290 6.15 -11.61 -21.25
N ALA A 291 6.25 -12.59 -20.35
CA ALA A 291 6.15 -12.32 -18.93
C ALA A 291 7.22 -11.35 -18.48
N LEU A 292 8.49 -11.59 -18.86
CA LEU A 292 9.55 -10.68 -18.46
C LEU A 292 9.38 -9.31 -19.12
N GLU A 293 8.77 -9.26 -20.30
CA GLU A 293 8.46 -7.97 -20.91
C GLU A 293 7.47 -7.19 -20.06
N GLN A 294 6.41 -7.85 -19.58
CA GLN A 294 5.45 -7.20 -18.69
C GLN A 294 6.12 -6.76 -17.40
N TRP A 295 7.01 -7.59 -16.85
CA TRP A 295 7.73 -7.27 -15.64
C TRP A 295 8.61 -6.04 -15.83
N ASP A 296 9.37 -6.01 -16.91
CA ASP A 296 10.38 -4.98 -17.11
C ASP A 296 9.78 -3.65 -17.54
N ALA A 297 8.56 -3.65 -18.06
CA ALA A 297 7.94 -2.42 -18.54
C ALA A 297 7.44 -1.54 -17.40
N LEU A 298 7.32 -2.09 -16.21
CA LEU A 298 6.77 -1.36 -15.07
C LEU A 298 7.91 -0.69 -14.32
N PRO A 299 8.01 0.63 -14.33
CA PRO A 299 9.12 1.28 -13.63
C PRO A 299 8.96 1.21 -12.11
N VAL A 300 10.10 1.12 -11.42
CA VAL A 300 10.08 1.24 -9.97
C VAL A 300 9.62 2.65 -9.62
N LEU A 301 8.54 2.76 -8.84
CA LEU A 301 7.98 4.07 -8.51
C LEU A 301 8.65 4.72 -7.31
N ALA A 302 9.16 3.93 -6.37
CA ALA A 302 9.76 4.48 -5.17
C ALA A 302 10.41 3.35 -4.41
N ARG A 303 11.27 3.71 -3.47
CA ARG A 303 11.78 2.77 -2.47
C ARG A 303 11.00 2.99 -1.19
N LEU A 304 10.49 1.91 -0.62
CA LEU A 304 9.86 1.94 0.69
C LEU A 304 10.90 1.44 1.67
N HIS A 305 11.28 2.29 2.64
CA HIS A 305 12.37 1.98 3.54
C HIS A 305 11.85 1.26 4.78
N ARG A 306 12.72 0.45 5.39
CA ARG A 306 12.33 -0.35 6.53
C ARG A 306 11.66 0.52 7.58
N PRO A 307 10.45 0.18 8.02
CA PRO A 307 9.75 1.05 8.98
C PRO A 307 10.50 1.14 10.30
N VAL A 308 10.32 2.27 10.98
CA VAL A 308 10.80 2.47 12.34
C VAL A 308 9.57 2.58 13.24
N SER A 309 9.51 1.76 14.28
CA SER A 309 8.44 1.88 15.26
C SER A 309 9.06 2.14 16.63
N VAL A 310 8.42 3.03 17.39
CA VAL A 310 8.95 3.41 18.70
C VAL A 310 7.80 3.42 19.70
N PRO A 311 7.97 2.88 20.90
CA PRO A 311 6.90 2.96 21.88
C PRO A 311 6.76 4.39 22.41
N LEU A 312 5.52 4.77 22.70
CA LEU A 312 5.24 6.09 23.27
C LEU A 312 4.78 6.00 24.72
N THR A 313 4.96 4.86 25.36
CA THR A 313 4.63 4.67 26.77
C THR A 313 5.88 4.30 27.56
N ARG A 314 5.81 4.52 28.88
CA ARG A 314 6.87 4.11 29.80
C ARG A 314 6.71 2.63 30.14
N PRO A 315 7.77 1.83 30.12
CA PRO A 315 7.60 0.42 30.48
C PRO A 315 7.26 0.18 31.95
N ASP A 316 7.61 1.08 32.87
CA ASP A 316 7.36 0.78 34.29
C ASP A 316 5.91 1.06 34.69
N THR A 317 5.35 2.19 34.27
CA THR A 317 3.96 2.50 34.60
C THR A 317 2.98 2.19 33.47
N GLY A 318 3.47 2.01 32.24
CA GLY A 318 2.58 1.80 31.13
C GLY A 318 1.83 3.03 30.67
N GLU A 319 2.12 4.20 31.25
CA GLU A 319 1.48 5.44 30.83
C GLU A 319 2.25 6.07 29.68
N ARG A 320 1.56 6.95 28.96
CA ARG A 320 2.17 7.67 27.86
C ARG A 320 3.33 8.53 28.37
N LEU A 321 4.41 8.58 27.59
CA LEU A 321 5.54 9.45 27.93
C LEU A 321 5.07 10.88 28.13
N LYS A 322 5.65 11.55 29.14
CA LYS A 322 5.43 12.97 29.40
C LYS A 322 5.93 13.82 28.23
N ARG A 323 5.46 15.07 28.21
CA ARG A 323 5.61 15.94 27.03
C ARG A 323 7.04 15.95 26.50
N GLU A 324 8.02 16.23 27.36
CA GLU A 324 9.39 16.40 26.89
C GLU A 324 10.03 15.05 26.54
N ALA A 325 9.76 14.01 27.32
CA ALA A 325 10.26 12.68 26.97
C ALA A 325 9.65 12.19 25.66
N LEU A 326 8.39 12.54 25.40
CA LEU A 326 7.74 12.16 24.14
C LEU A 326 8.43 12.83 22.94
N THR A 327 8.70 14.14 23.06
CA THR A 327 9.43 14.85 22.02
C THR A 327 10.75 14.17 21.70
N ALA A 328 11.53 13.84 22.73
CA ALA A 328 12.83 13.20 22.53
C ALA A 328 12.69 11.83 21.88
N GLN A 329 11.69 11.06 22.29
CA GLN A 329 11.48 9.74 21.73
C GLN A 329 11.13 9.83 20.26
N LEU A 330 10.22 10.74 19.92
CA LEU A 330 9.83 10.92 18.53
C LEU A 330 10.97 11.50 17.71
N ALA A 331 11.74 12.44 18.28
CA ALA A 331 12.88 12.99 17.56
C ALA A 331 13.89 11.90 17.24
N ALA A 332 14.18 11.02 18.20
CA ALA A 332 15.10 9.92 17.95
C ALA A 332 14.59 9.02 16.81
N ALA A 333 13.30 8.69 16.83
CA ALA A 333 12.72 7.87 15.77
C ALA A 333 12.85 8.55 14.41
N TRP A 334 12.58 9.85 14.37
CA TRP A 334 12.72 10.60 13.11
C TRP A 334 14.15 10.54 12.59
N LYS A 335 15.13 10.74 13.48
CA LYS A 335 16.52 10.67 13.04
C LYS A 335 16.84 9.31 12.44
N THR A 336 16.39 8.22 13.08
CA THR A 336 16.66 6.88 12.55
C THR A 336 15.93 6.67 11.22
N ALA A 337 14.68 7.11 11.12
CA ALA A 337 13.91 6.89 9.90
C ALA A 337 14.40 7.77 8.74
N SER A 338 14.95 8.94 9.03
CA SER A 338 15.29 9.86 7.96
C SER A 338 16.75 9.78 7.54
N ALA A 339 17.58 9.06 8.31
CA ALA A 339 19.03 9.08 8.08
C ALA A 339 19.38 8.60 6.67
N GLY A 340 18.79 7.49 6.24
CA GLY A 340 19.08 6.87 4.96
C GLY A 340 18.29 7.39 3.77
N LEU A 341 17.56 8.49 3.92
CA LEU A 341 16.81 9.07 2.80
C LEU A 341 17.68 10.09 2.08
N ARG A 342 17.76 9.96 0.76
CA ARG A 342 18.54 10.88 -0.08
C ARG A 342 17.64 11.50 -1.14
N PRO A 343 17.31 12.79 -1.05
CA PRO A 343 17.68 13.70 0.05
C PRO A 343 16.69 13.55 1.21
N ALA A 344 16.82 14.40 2.23
CA ALA A 344 15.94 14.33 3.38
C ALA A 344 14.49 14.62 2.96
N PRO A 345 13.51 14.15 3.75
CA PRO A 345 12.10 14.27 3.34
C PRO A 345 11.70 15.68 2.94
N ALA A 346 11.01 15.78 1.82
CA ALA A 346 10.44 17.05 1.38
C ALA A 346 9.04 17.29 1.91
N ARG A 347 8.42 16.29 2.52
CA ARG A 347 7.04 16.42 2.99
C ARG A 347 6.76 15.30 3.98
N LEU A 348 5.76 15.51 4.83
CA LEU A 348 5.32 14.51 5.80
C LEU A 348 3.84 14.24 5.60
N PHE A 349 3.50 12.97 5.38
CA PHE A 349 2.13 12.49 5.47
C PHE A 349 1.94 11.83 6.83
N TYR A 350 0.98 12.29 7.62
CA TYR A 350 0.78 11.71 8.94
C TYR A 350 -0.71 11.57 9.19
N ASP A 351 -1.06 10.78 10.20
CA ASP A 351 -2.47 10.56 10.48
C ASP A 351 -2.64 10.19 11.95
N GLY A 352 -3.35 11.04 12.68
CA GLY A 352 -3.75 10.75 14.04
C GLY A 352 -5.18 10.27 14.16
N GLY A 353 -5.90 10.16 13.04
CA GLY A 353 -7.31 9.80 13.11
C GLY A 353 -8.18 11.02 13.36
N LEU A 354 -9.44 10.74 13.71
CA LEU A 354 -10.40 11.81 13.94
C LEU A 354 -10.17 12.46 15.29
N ASN A 355 -10.50 13.76 15.36
CA ASN A 355 -10.42 14.51 16.61
C ASN A 355 -9.00 14.49 17.18
N ALA A 356 -8.01 14.67 16.31
CA ALA A 356 -6.61 14.61 16.68
C ALA A 356 -5.93 15.91 16.28
N THR A 357 -4.90 16.28 17.06
CA THR A 357 -4.06 17.43 16.76
C THR A 357 -2.60 16.98 16.82
N PRO A 358 -2.15 16.21 15.81
CA PRO A 358 -0.82 15.58 15.90
C PRO A 358 0.33 16.57 15.82
N LEU A 359 0.11 17.77 15.28
CA LEU A 359 1.20 18.74 15.22
C LEU A 359 1.65 19.20 16.60
N ALA A 360 0.79 19.08 17.63
CA ALA A 360 1.22 19.45 18.97
C ALA A 360 2.43 18.64 19.39
N GLU A 361 2.51 17.38 18.97
CA GLU A 361 3.68 16.56 19.24
C GLU A 361 4.70 16.57 18.11
N LEU A 362 4.25 16.68 16.86
CA LEU A 362 5.15 16.54 15.73
C LEU A 362 6.04 17.76 15.57
N THR A 363 5.49 18.96 15.74
CA THR A 363 6.31 20.15 15.55
C THR A 363 7.50 20.18 16.50
N PRO A 364 7.35 20.02 17.82
CA PRO A 364 8.55 19.96 18.67
C PRO A 364 9.46 18.80 18.33
N ALA A 365 8.89 17.63 17.99
CA ALA A 365 9.71 16.46 17.69
C ALA A 365 10.60 16.70 16.46
N LEU A 366 10.02 17.18 15.37
CA LEU A 366 10.85 17.42 14.18
C LEU A 366 11.79 18.61 14.39
N GLY A 367 11.39 19.58 15.20
CA GLY A 367 12.31 20.66 15.56
C GLY A 367 13.50 20.14 16.32
N ALA A 368 13.26 19.30 17.33
CA ALA A 368 14.37 18.72 18.09
C ALA A 368 15.24 17.85 17.20
N ALA A 369 14.65 17.17 16.23
CA ALA A 369 15.42 16.37 15.28
C ALA A 369 16.13 17.22 14.23
N GLN A 370 15.94 18.54 14.28
CA GLN A 370 16.56 19.48 13.33
C GLN A 370 16.14 19.17 11.89
N SER A 371 14.88 18.76 11.73
CA SER A 371 14.32 18.64 10.39
C SER A 371 13.99 20.02 9.83
N SER A 372 14.21 20.20 8.53
CA SER A 372 13.91 21.50 7.92
C SER A 372 12.45 21.66 7.55
N LEU A 373 11.63 20.61 7.68
CA LEU A 373 10.21 20.72 7.36
C LEU A 373 9.52 21.75 8.24
N ASP A 374 8.61 22.49 7.65
CA ASP A 374 7.70 23.40 8.33
C ASP A 374 6.32 22.77 8.29
N LEU A 375 5.90 22.16 9.41
CA LEU A 375 4.63 21.44 9.38
C LEU A 375 3.43 22.37 9.34
N LEU A 376 3.62 23.69 9.40
CA LEU A 376 2.53 24.62 9.17
C LEU A 376 2.34 24.93 7.69
N ASP A 377 3.29 24.53 6.86
CA ASP A 377 3.26 24.79 5.43
C ASP A 377 2.50 23.66 4.73
N SER A 378 1.39 24.02 4.06
CA SER A 378 0.56 23.01 3.39
C SER A 378 1.32 22.21 2.34
N ARG A 379 2.42 22.76 1.79
CA ARG A 379 3.22 22.01 0.81
C ARG A 379 4.12 20.95 1.45
N GLU A 380 4.29 20.97 2.76
CA GLU A 380 5.19 20.03 3.41
C GLU A 380 4.49 19.12 4.42
N SER A 381 3.17 19.24 4.58
CA SER A 381 2.52 18.76 5.79
C SER A 381 1.12 18.28 5.43
N TYR A 382 0.88 16.96 5.50
CA TYR A 382 -0.40 16.38 5.07
C TYR A 382 -1.00 15.54 6.19
N ASP A 383 -2.07 16.08 6.81
CA ASP A 383 -2.88 15.35 7.78
C ASP A 383 -3.94 14.56 7.00
N LEU A 384 -3.80 13.23 6.97
CA LEU A 384 -4.65 12.43 6.09
C LEU A 384 -6.13 12.54 6.46
N THR A 385 -6.44 12.51 7.75
CA THR A 385 -7.84 12.57 8.15
C THR A 385 -8.44 13.96 7.92
N GLN A 386 -7.66 15.01 8.19
CA GLN A 386 -8.10 16.37 7.90
C GLN A 386 -8.45 16.53 6.42
N ARG A 387 -7.59 16.02 5.54
CA ARG A 387 -7.75 16.30 4.12
C ARG A 387 -8.64 15.31 3.40
N LEU A 388 -8.78 14.07 3.91
CA LEU A 388 -9.43 13.00 3.17
C LEU A 388 -10.56 12.36 3.94
N GLY A 389 -10.85 12.82 5.16
CA GLY A 389 -11.73 12.08 6.03
C GLY A 389 -11.01 10.86 6.60
N ASP A 390 -11.72 10.14 7.47
CA ASP A 390 -11.14 9.00 8.18
C ASP A 390 -11.03 7.83 7.20
N THR A 391 -9.79 7.52 6.77
CA THR A 391 -9.62 6.40 5.85
C THR A 391 -9.39 5.07 6.59
N GLY A 392 -9.55 5.08 7.90
CA GLY A 392 -9.57 3.84 8.69
C GLY A 392 -8.35 2.98 8.45
N ALA A 393 -8.60 1.69 8.24
CA ALA A 393 -7.50 0.73 8.07
C ALA A 393 -6.69 0.98 6.80
N ALA A 394 -7.23 1.71 5.84
CA ALA A 394 -6.46 2.00 4.65
C ALA A 394 -5.42 3.10 4.86
N SER A 395 -5.52 3.87 5.95
CA SER A 395 -4.71 5.07 6.14
C SER A 395 -3.21 4.88 5.87
N PRO A 396 -2.51 3.91 6.45
CA PRO A 396 -1.07 3.82 6.16
C PRO A 396 -0.77 3.55 4.69
N PHE A 397 -1.65 2.80 4.00
CA PHE A 397 -1.48 2.54 2.58
C PHE A 397 -1.84 3.74 1.72
N VAL A 398 -2.81 4.54 2.14
CA VAL A 398 -3.04 5.85 1.51
C VAL A 398 -1.79 6.70 1.60
N GLY A 399 -1.20 6.78 2.80
CA GLY A 399 0.03 7.53 2.97
C GLY A 399 1.13 7.07 2.05
N ILE A 400 1.34 5.75 1.98
CA ILE A 400 2.36 5.19 1.08
C ILE A 400 2.03 5.51 -0.37
N ALA A 401 0.76 5.39 -0.75
CA ALA A 401 0.37 5.67 -2.13
C ALA A 401 0.63 7.13 -2.50
N LEU A 402 0.19 8.06 -1.64
CA LEU A 402 0.44 9.47 -1.92
C LEU A 402 1.92 9.81 -1.86
N ALA A 403 2.65 9.23 -0.90
CA ALA A 403 4.09 9.49 -0.85
C ALA A 403 4.77 8.96 -2.11
N THR A 404 4.30 7.80 -2.60
CA THR A 404 4.87 7.24 -3.81
C THR A 404 4.62 8.15 -5.01
N MET A 405 3.39 8.65 -5.14
CA MET A 405 3.08 9.58 -6.23
C MET A 405 3.93 10.83 -6.11
N ALA A 406 3.97 11.43 -4.92
CA ALA A 406 4.72 12.67 -4.72
C ALA A 406 6.20 12.47 -5.02
N SER A 407 6.79 11.43 -4.43
CA SER A 407 8.23 11.19 -4.58
C SER A 407 8.59 10.81 -6.02
N TYR A 408 7.76 10.02 -6.69
CA TYR A 408 8.05 9.65 -8.08
C TYR A 408 7.97 10.85 -8.99
N LEU A 409 6.90 11.64 -8.88
CA LEU A 409 6.69 12.76 -9.78
C LEU A 409 7.67 13.91 -9.52
N ASN A 410 8.18 14.01 -8.30
CA ASN A 410 9.06 15.10 -7.93
C ASN A 410 10.51 14.67 -7.76
N GLY A 411 10.80 13.38 -7.90
CA GLY A 411 12.16 12.91 -7.66
C GLY A 411 12.71 13.26 -6.30
N ASP A 412 11.91 13.13 -5.25
CA ASP A 412 12.33 13.55 -3.92
C ASP A 412 11.82 12.54 -2.88
N SER A 413 12.06 12.84 -1.61
CA SER A 413 11.75 11.93 -0.51
C SER A 413 10.52 12.39 0.26
N SER A 414 9.81 11.42 0.83
CA SER A 414 8.65 11.68 1.67
C SER A 414 8.75 10.82 2.93
N MET A 415 8.01 11.20 3.96
CA MET A 415 7.87 10.37 5.15
C MET A 415 6.40 10.12 5.40
N VAL A 416 6.06 8.91 5.83
CA VAL A 416 4.69 8.56 6.22
C VAL A 416 4.70 8.17 7.69
N MET A 417 3.80 8.76 8.47
CA MET A 417 3.73 8.48 9.91
C MET A 417 2.34 8.09 10.36
N PRO A 418 2.05 6.79 10.47
CA PRO A 418 0.83 6.32 11.15
C PRO A 418 0.92 6.63 12.64
N LEU A 419 0.00 7.47 13.12
CA LEU A 419 -0.02 7.93 14.50
C LEU A 419 -1.37 7.70 15.16
N ARG A 420 -2.13 6.72 14.70
CA ARG A 420 -3.43 6.44 15.30
C ARG A 420 -3.32 5.67 16.60
N ARG A 421 -2.23 4.94 16.82
CA ARG A 421 -2.01 4.28 18.10
C ARG A 421 -1.48 5.30 19.11
N LYS A 422 -2.05 5.30 20.31
CA LYS A 422 -1.51 6.20 21.32
C LYS A 422 -0.26 5.65 21.97
N ASP A 423 0.03 4.36 21.83
CA ASP A 423 1.17 3.74 22.49
C ASP A 423 2.37 3.55 21.58
N GLN A 424 2.29 3.99 20.32
CA GLN A 424 3.36 3.70 19.38
C GLN A 424 3.33 4.71 18.26
N ALA A 425 4.51 5.02 17.71
CA ALA A 425 4.62 5.76 16.47
C ALA A 425 5.35 4.90 15.44
N THR A 426 4.91 4.97 14.19
CA THR A 426 5.55 4.28 13.09
C THR A 426 5.99 5.31 12.05
N LEU A 427 7.16 5.09 11.46
CA LEU A 427 7.72 6.02 10.48
C LEU A 427 8.18 5.21 9.28
N ILE A 428 7.67 5.54 8.11
CA ILE A 428 8.02 4.83 6.88
C ILE A 428 8.57 5.82 5.87
N GLY A 429 9.86 5.69 5.56
CA GLY A 429 10.46 6.57 4.58
C GLY A 429 10.18 6.11 3.16
N ILE A 430 10.04 7.08 2.27
CA ILE A 430 9.76 6.83 0.86
C ILE A 430 10.74 7.68 0.05
N SER A 431 11.48 7.06 -0.86
CA SER A 431 12.46 7.81 -1.64
C SER A 431 12.28 7.56 -3.13
N SER A 432 12.76 8.49 -3.91
CA SER A 432 12.77 8.30 -5.36
C SER A 432 13.96 7.43 -5.76
N PRO A 433 13.78 6.52 -6.72
CA PRO A 433 14.94 5.75 -7.18
C PRO A 433 15.94 6.58 -7.98
N THR A 434 15.53 7.74 -8.49
CA THR A 434 16.41 8.63 -9.25
C THR A 434 16.19 10.06 -8.75
N PRO A 435 16.67 10.37 -7.55
CA PRO A 435 16.35 11.67 -6.97
C PRO A 435 16.95 12.79 -7.81
N GLY A 436 16.24 13.91 -7.89
CA GLY A 436 16.63 15.00 -8.72
C GLY A 436 16.13 14.93 -10.14
N LYS A 437 15.65 13.75 -10.57
CA LYS A 437 15.16 13.53 -11.93
C LYS A 437 13.66 13.34 -11.89
N LYS A 438 12.93 14.23 -12.55
CA LYS A 438 11.49 13.99 -12.65
C LYS A 438 11.17 13.19 -13.90
N PRO A 439 10.17 12.31 -13.84
CA PRO A 439 9.85 11.48 -15.01
C PRO A 439 9.09 12.27 -16.07
N ALA A 440 9.28 11.84 -17.33
CA ALA A 440 8.58 12.51 -18.43
C ALA A 440 7.10 12.16 -18.42
N HIS A 441 6.75 10.92 -18.07
CA HIS A 441 5.37 10.45 -18.10
C HIS A 441 4.87 10.28 -16.68
N ASP A 442 3.78 10.98 -16.35
CA ASP A 442 3.01 10.76 -15.13
C ASP A 442 2.16 9.50 -15.30
N PRO A 443 2.48 8.42 -14.58
CA PRO A 443 1.73 7.17 -14.75
C PRO A 443 0.47 7.04 -13.89
N PHE A 444 0.04 8.10 -13.22
CA PHE A 444 -1.04 8.00 -12.25
C PHE A 444 -2.37 8.55 -12.79
N GLY A 445 -2.52 8.55 -14.11
CA GLY A 445 -3.80 8.89 -14.71
C GLY A 445 -4.82 7.77 -14.55
N VAL A 446 -6.07 8.12 -14.86
CA VAL A 446 -7.16 7.17 -14.68
C VAL A 446 -7.56 6.51 -16.01
#